data_4O6J
#
_entry.id   4O6J
#
_cell.length_a   61.215
_cell.length_b   84.604
_cell.length_c   46.956
_cell.angle_alpha   90.00
_cell.angle_beta   90.00
_cell.angle_gamma   90.00
#
_symmetry.space_group_name_H-M   'P 21 21 2'
#
loop_
_entity.id
_entity.type
_entity.pdbx_description
1 polymer 'Iron-dependent transcription repressor related protein'
2 non-polymer 'FE (II) ION'
3 water water
#
_entity_poly.entity_id   1
_entity_poly.type   'polypeptide(L)'
_entity_poly.pdbx_seq_one_letter_code
;MGSSHHHHHHSSGLFQGPHMNENRIRSVTEEDYLKIIQELVLYKGYATLADISRSLNVKRQSVRDEINHLISLSMAEKIE
RGKYRLTPSGDREANRFLRKHRTAEILLSRCIGIPWERVDEEAMGIEHGMTEEIIQRTIERFGVDRCPHGNPIPDPEGNV
EPVADVRITSLLPDSTARISRIVYETDDILHFLALNGLIPGKDIKIESVKDTVRVLVDGRSIEIPTDIAMAIMVTVDDR
;
_entity_poly.pdbx_strand_id   A
#
loop_
_chem_comp.id
_chem_comp.type
_chem_comp.name
_chem_comp.formula
FE2 non-polymer 'FE (II) ION' 'Fe 2'
#
# COMPACT_ATOMS: atom_id res chain seq x y z
N ARG A 26 16.99 10.09 -0.49
CA ARG A 26 16.51 10.43 -1.83
C ARG A 26 15.62 11.68 -1.78
N SER A 27 15.77 12.58 -2.76
CA SER A 27 14.81 13.67 -2.92
C SER A 27 13.63 13.16 -3.73
N VAL A 28 12.58 13.97 -3.83
CA VAL A 28 11.32 13.49 -4.35
C VAL A 28 11.34 13.34 -5.88
N THR A 29 10.74 12.27 -6.38
CA THR A 29 10.61 12.06 -7.83
C THR A 29 9.16 11.91 -8.21
N GLU A 30 8.92 11.88 -9.52
CA GLU A 30 7.60 11.64 -10.05
C GLU A 30 7.04 10.31 -9.56
N GLU A 31 7.90 9.29 -9.49
CA GLU A 31 7.48 7.98 -9.07
C GLU A 31 6.91 7.99 -7.65
N ASP A 32 7.46 8.85 -6.80
CA ASP A 32 6.94 8.99 -5.44
C ASP A 32 5.53 9.60 -5.44
N TYR A 33 5.27 10.51 -6.37
CA TYR A 33 3.94 11.05 -6.48
C TYR A 33 2.94 9.98 -6.90
N LEU A 34 3.33 9.13 -7.83
CA LEU A 34 2.43 8.11 -8.36
C LEU A 34 2.06 7.12 -7.27
N LYS A 35 3.04 6.74 -6.47
CA LYS A 35 2.84 5.79 -5.38
C LYS A 35 1.88 6.34 -4.32
N ILE A 36 2.17 7.53 -3.78
CA ILE A 36 1.32 8.06 -2.71
C ILE A 36 -0.13 8.27 -3.23
N ILE A 37 -0.27 8.76 -4.47
CA ILE A 37 -1.61 9.01 -5.01
C ILE A 37 -2.35 7.68 -5.15
N GLN A 38 -1.69 6.67 -5.68
CA GLN A 38 -2.32 5.36 -5.75
C GLN A 38 -2.74 4.83 -4.36
N GLU A 39 -1.88 4.97 -3.35
CA GLU A 39 -2.19 4.56 -1.98
C GLU A 39 -3.40 5.28 -1.39
N LEU A 40 -3.43 6.60 -1.56
CA LEU A 40 -4.48 7.41 -0.95
C LEU A 40 -5.79 7.05 -1.58
N VAL A 41 -5.77 6.82 -2.88
CA VAL A 41 -7.00 6.44 -3.57
C VAL A 41 -7.48 5.06 -3.08
N LEU A 42 -6.62 4.06 -3.04
CA LEU A 42 -7.04 2.77 -2.49
C LEU A 42 -7.47 2.92 -1.03
N TYR A 43 -6.82 3.79 -0.29
CA TYR A 43 -7.16 4.01 1.11
C TYR A 43 -8.48 4.74 1.44
N LYS A 44 -8.73 5.88 0.80
CA LYS A 44 -9.88 6.73 1.16
C LYS A 44 -10.66 7.17 -0.07
N GLY A 45 -10.17 6.79 -1.24
CA GLY A 45 -10.87 7.07 -2.49
C GLY A 45 -10.39 8.31 -3.23
N TYR A 46 -9.40 9.02 -2.68
CA TYR A 46 -8.90 10.23 -3.35
C TYR A 46 -7.61 10.73 -2.73
N ALA A 47 -6.90 11.57 -3.47
CA ALA A 47 -5.71 12.25 -2.94
C ALA A 47 -5.93 13.76 -2.94
N THR A 48 -5.60 14.41 -1.83
CA THR A 48 -5.66 15.86 -1.77
C THR A 48 -4.23 16.35 -1.83
N LEU A 49 -4.07 17.62 -2.17
CA LEU A 49 -2.75 18.24 -2.14
C LEU A 49 -2.13 18.18 -0.76
N ALA A 50 -2.93 18.46 0.26
CA ALA A 50 -2.40 18.49 1.64
C ALA A 50 -1.99 17.11 2.13
N ASP A 51 -2.71 16.07 1.71
CA ASP A 51 -2.31 14.69 2.04
C ASP A 51 -1.01 14.29 1.35
N ILE A 52 -0.84 14.70 0.10
CA ILE A 52 0.42 14.42 -0.62
C ILE A 52 1.56 15.23 -0.01
N SER A 53 1.30 16.51 0.26
CA SER A 53 2.27 17.40 0.88
C SER A 53 2.81 16.82 2.18
N ARG A 54 1.91 16.30 3.01
CA ARG A 54 2.29 15.81 4.31
C ARG A 54 3.05 14.49 4.22
N SER A 55 2.65 13.62 3.29
CA SER A 55 3.32 12.32 3.15
C SER A 55 4.70 12.42 2.53
N LEU A 56 4.87 13.32 1.56
CA LEU A 56 6.14 13.46 0.85
C LEU A 56 7.04 14.52 1.47
N ASN A 57 6.49 15.31 2.39
CA ASN A 57 7.23 16.42 2.97
C ASN A 57 7.67 17.41 1.91
N VAL A 58 6.71 17.85 1.10
CA VAL A 58 6.93 18.78 0.02
C VAL A 58 5.90 19.90 0.17
N LYS A 59 6.32 21.14 -0.04
CA LYS A 59 5.37 22.25 0.06
C LYS A 59 4.21 22.13 -0.96
N ARG A 60 3.04 22.60 -0.55
CA ARG A 60 1.80 22.39 -1.30
C ARG A 60 1.87 22.89 -2.71
N GLN A 61 2.59 23.99 -2.89
CA GLN A 61 2.69 24.63 -4.18
C GLN A 61 3.45 23.78 -5.17
N SER A 62 4.51 23.10 -4.71
CA SER A 62 5.22 22.14 -5.54
C SER A 62 4.38 20.90 -5.80
N VAL A 63 3.60 20.49 -4.81
CA VAL A 63 2.66 19.39 -5.00
C VAL A 63 1.65 19.79 -6.07
N ARG A 64 1.15 21.04 -6.00
CA ARG A 64 0.23 21.54 -7.03
C ARG A 64 0.84 21.51 -8.43
N ASP A 65 2.07 21.97 -8.57
CA ASP A 65 2.69 22.00 -9.89
C ASP A 65 2.83 20.59 -10.47
N GLU A 66 3.13 19.61 -9.61
CA GLU A 66 3.33 18.25 -10.06
C GLU A 66 2.01 17.58 -10.46
N ILE A 67 0.98 17.81 -9.65
CA ILE A 67 -0.36 17.32 -9.96
C ILE A 67 -0.82 17.87 -11.32
N ASN A 68 -0.71 19.17 -11.53
CA ASN A 68 -1.07 19.75 -12.82
C ASN A 68 -0.26 19.15 -13.97
N HIS A 69 1.02 18.88 -13.72
CA HIS A 69 1.90 18.26 -14.71
C HIS A 69 1.42 16.84 -15.01
N LEU A 70 1.10 16.08 -13.97
CA LEU A 70 0.54 14.74 -14.15
C LEU A 70 -0.79 14.79 -14.90
N ILE A 71 -1.65 15.76 -14.58
CA ILE A 71 -2.92 15.90 -15.29
C ILE A 71 -2.69 16.19 -16.78
N SER A 72 -1.75 17.08 -17.09
CA SER A 72 -1.46 17.39 -18.49
C SER A 72 -0.83 16.20 -19.24
N LEU A 73 -0.24 15.25 -18.52
CA LEU A 73 0.34 14.05 -19.14
C LEU A 73 -0.68 12.90 -19.24
N SER A 74 -1.93 13.16 -18.85
CA SER A 74 -3.01 12.16 -18.75
C SER A 74 -2.67 11.04 -17.78
N MET A 75 -1.96 11.36 -16.71
CA MET A 75 -1.60 10.36 -15.73
C MET A 75 -2.42 10.55 -14.46
N ALA A 76 -3.06 11.71 -14.33
CA ALA A 76 -3.95 11.96 -13.20
C ALA A 76 -5.14 12.79 -13.63
N GLU A 77 -6.17 12.82 -12.79
CA GLU A 77 -7.34 13.56 -13.16
C GLU A 77 -7.99 14.09 -11.89
N LYS A 78 -8.77 15.13 -12.07
CA LYS A 78 -9.50 15.71 -11.01
C LYS A 78 -10.81 14.97 -10.88
N ILE A 79 -11.19 14.64 -9.68
CA ILE A 79 -12.41 13.91 -9.41
C ILE A 79 -13.48 14.92 -9.12
N GLU A 80 -13.15 15.90 -8.31
CA GLU A 80 -14.00 17.00 -7.99
C GLU A 80 -13.07 17.95 -7.32
N ARG A 81 -13.57 18.92 -6.59
CA ARG A 81 -12.73 19.94 -6.04
C ARG A 81 -11.76 19.46 -4.99
N GLY A 82 -10.48 19.73 -5.18
CA GLY A 82 -9.47 19.36 -4.21
C GLY A 82 -9.20 17.87 -4.16
N LYS A 83 -9.85 17.09 -5.02
CA LYS A 83 -9.69 15.63 -4.99
C LYS A 83 -9.19 15.05 -6.31
N TYR A 84 -8.14 14.24 -6.22
CA TYR A 84 -7.47 13.71 -7.41
C TYR A 84 -7.28 12.20 -7.37
N ARG A 85 -7.10 11.60 -8.54
CA ARG A 85 -6.69 10.19 -8.63
C ARG A 85 -5.88 9.95 -9.89
N LEU A 86 -5.28 8.77 -10.02
CA LEU A 86 -4.57 8.40 -11.23
C LEU A 86 -5.56 7.98 -12.30
N THR A 87 -5.20 8.16 -13.56
CA THR A 87 -5.93 7.60 -14.69
C THR A 87 -5.51 6.16 -14.83
N PRO A 88 -6.12 5.38 -15.75
CA PRO A 88 -5.61 4.03 -15.97
C PRO A 88 -4.14 4.00 -16.36
N SER A 89 -3.69 4.95 -17.18
CA SER A 89 -2.32 4.89 -17.64
C SER A 89 -1.37 5.37 -16.52
N GLY A 90 -1.82 6.29 -15.68
CA GLY A 90 -0.98 6.71 -14.56
C GLY A 90 -0.85 5.57 -13.56
N ASP A 91 -1.91 4.77 -13.41
CA ASP A 91 -1.92 3.61 -12.53
C ASP A 91 -0.94 2.51 -12.99
N ARG A 92 -0.89 2.25 -14.29
CA ARG A 92 0.08 1.30 -14.84
C ARG A 92 1.50 1.81 -14.62
N GLU A 93 1.71 3.11 -14.76
CA GLU A 93 3.04 3.65 -14.55
C GLU A 93 3.45 3.50 -13.09
N ALA A 94 2.51 3.79 -12.19
CA ALA A 94 2.71 3.57 -10.76
C ALA A 94 3.10 2.12 -10.53
N ASN A 95 2.37 1.22 -11.18
CA ASN A 95 2.61 -0.21 -11.03
C ASN A 95 4.01 -0.64 -11.47
N ARG A 96 4.51 -0.05 -12.55
CA ARG A 96 5.88 -0.36 -13.03
C ARG A 96 6.88 0.06 -11.98
N PHE A 97 6.59 1.15 -11.27
CA PHE A 97 7.47 1.57 -10.19
C PHE A 97 7.32 0.64 -8.98
N LEU A 98 6.09 0.27 -8.67
CA LEU A 98 5.86 -0.56 -7.47
C LEU A 98 6.45 -1.97 -7.60
N ARG A 99 6.60 -2.43 -8.83
CA ARG A 99 7.36 -3.64 -9.08
C ARG A 99 8.77 -3.51 -8.46
N LYS A 100 9.38 -2.36 -8.68
CA LYS A 100 10.69 -2.05 -8.11
C LYS A 100 10.61 -1.90 -6.60
N HIS A 101 9.65 -1.10 -6.15
CA HIS A 101 9.51 -0.83 -4.74
C HIS A 101 9.28 -2.11 -3.93
N ARG A 102 8.33 -2.93 -4.37
CA ARG A 102 7.90 -4.06 -3.57
C ARG A 102 8.95 -5.14 -3.55
N THR A 103 9.63 -5.32 -4.68
CA THR A 103 10.73 -6.26 -4.75
C THR A 103 11.89 -5.82 -3.87
N ALA A 104 12.07 -4.51 -3.77
CA ALA A 104 13.13 -3.96 -2.93
C ALA A 104 12.82 -4.29 -1.49
N GLU A 105 11.55 -4.13 -1.10
CA GLU A 105 11.12 -4.53 0.23
C GLU A 105 11.40 -6.00 0.54
N ILE A 106 11.11 -6.88 -0.41
CA ILE A 106 11.37 -8.31 -0.23
C ILE A 106 12.86 -8.53 -0.04
N LEU A 107 13.66 -7.88 -0.88
CA LEU A 107 15.13 -7.98 -0.80
C LEU A 107 15.58 -7.55 0.58
N LEU A 108 15.13 -6.39 1.02
CA LEU A 108 15.62 -5.85 2.29
C LEU A 108 15.15 -6.63 3.51
N SER A 109 13.92 -7.13 3.49
CA SER A 109 13.42 -7.84 4.67
C SER A 109 13.89 -9.29 4.71
N ARG A 110 13.95 -9.95 3.57
CA ARG A 110 14.38 -11.32 3.54
C ARG A 110 15.87 -11.50 3.56
N CYS A 111 16.63 -10.69 2.85
CA CYS A 111 18.07 -10.85 2.82
C CYS A 111 18.72 -10.34 4.12
N ILE A 112 18.36 -9.17 4.60
CA ILE A 112 19.08 -8.60 5.75
C ILE A 112 18.34 -8.24 7.03
N GLY A 113 17.07 -8.57 7.10
CA GLY A 113 16.29 -8.50 8.31
C GLY A 113 15.82 -7.10 8.69
N ILE A 114 15.67 -6.22 7.72
CA ILE A 114 15.04 -4.94 7.98
C ILE A 114 13.61 -5.19 8.47
N PRO A 115 13.27 -4.69 9.67
CA PRO A 115 11.96 -4.95 10.26
C PRO A 115 10.79 -4.63 9.32
N TRP A 116 9.86 -5.57 9.29
CA TRP A 116 8.60 -5.45 8.59
C TRP A 116 8.01 -4.03 8.58
N GLU A 117 8.01 -3.34 9.72
CA GLU A 117 7.36 -2.03 9.78
C GLU A 117 8.22 -0.86 9.28
N ARG A 118 9.49 -1.13 9.01
CA ARG A 118 10.46 -0.11 8.59
C ARG A 118 10.78 -0.20 7.10
N VAL A 119 10.42 -1.32 6.50
CA VAL A 119 11.00 -1.70 5.22
C VAL A 119 10.38 -0.91 4.06
N ASP A 120 9.25 -0.27 4.31
CA ASP A 120 8.65 0.61 3.30
C ASP A 120 9.50 1.88 3.18
N GLU A 121 9.89 2.45 4.30
CA GLU A 121 10.79 3.62 4.28
C GLU A 121 12.18 3.30 3.70
N GLU A 122 12.80 2.20 4.15
CA GLU A 122 14.16 1.88 3.74
C GLU A 122 14.28 1.46 2.27
N ALA A 123 13.18 1.06 1.63
CA ALA A 123 13.28 0.66 0.24
C ALA A 123 13.41 1.89 -0.65
N MET A 124 13.14 3.05 -0.07
CA MET A 124 13.13 4.32 -0.80
C MET A 124 14.42 4.64 -1.52
N GLY A 125 15.54 4.32 -0.90
CA GLY A 125 16.84 4.55 -1.51
C GLY A 125 17.08 3.66 -2.73
N ILE A 126 17.03 2.34 -2.54
CA ILE A 126 17.50 1.43 -3.57
C ILE A 126 16.49 1.13 -4.67
N GLU A 127 15.24 1.53 -4.51
CA GLU A 127 14.22 1.09 -5.44
C GLU A 127 14.39 1.69 -6.85
N HIS A 128 14.79 2.95 -6.95
CA HIS A 128 14.86 3.59 -8.27
C HIS A 128 15.75 2.86 -9.26
N GLY A 129 16.79 2.20 -8.76
CA GLY A 129 17.74 1.52 -9.62
C GLY A 129 17.58 0.00 -9.71
N MET A 130 16.50 -0.53 -9.16
CA MET A 130 16.20 -1.97 -9.31
C MET A 130 16.00 -2.32 -10.80
N THR A 131 16.93 -3.07 -11.36
CA THR A 131 16.84 -3.53 -12.75
C THR A 131 16.01 -4.81 -12.83
N GLU A 132 15.57 -5.18 -14.03
CA GLU A 132 14.89 -6.45 -14.24
C GLU A 132 15.75 -7.65 -13.84
N GLU A 133 17.06 -7.55 -14.03
CA GLU A 133 17.96 -8.61 -13.60
C GLU A 133 17.82 -8.83 -12.09
N ILE A 134 17.92 -7.74 -11.32
CA ILE A 134 17.82 -7.83 -9.87
C ILE A 134 16.41 -8.26 -9.44
N ILE A 135 15.39 -7.64 -10.04
CA ILE A 135 14.01 -7.89 -9.68
C ILE A 135 13.64 -9.35 -9.87
N GLN A 136 13.97 -9.89 -11.04
CA GLN A 136 13.64 -11.26 -11.36
C GLN A 136 14.43 -12.28 -10.52
N ARG A 137 15.72 -12.06 -10.31
CA ARG A 137 16.48 -12.97 -9.45
C ARG A 137 16.00 -12.92 -8.01
N THR A 138 15.55 -11.77 -7.55
CA THR A 138 14.99 -11.66 -6.19
C THR A 138 13.69 -12.46 -6.08
N ILE A 139 12.83 -12.32 -7.07
CA ILE A 139 11.53 -12.98 -7.06
C ILE A 139 11.71 -14.50 -7.08
N GLU A 140 12.64 -14.98 -7.89
CA GLU A 140 12.84 -16.42 -8.03
C GLU A 140 13.60 -17.02 -6.85
N ARG A 141 14.52 -16.24 -6.28
CA ARG A 141 15.31 -16.69 -5.12
C ARG A 141 14.45 -16.86 -3.87
N PHE A 142 13.53 -15.94 -3.63
CA PHE A 142 12.70 -16.05 -2.46
C PHE A 142 11.30 -16.63 -2.72
N GLY A 143 10.88 -16.73 -3.98
CA GLY A 143 9.62 -17.39 -4.28
C GLY A 143 8.40 -16.62 -3.83
N VAL A 144 8.35 -15.34 -4.14
CA VAL A 144 7.33 -14.41 -3.67
C VAL A 144 6.62 -13.80 -4.85
N ASP A 145 5.35 -13.45 -4.70
CA ASP A 145 4.68 -12.59 -5.69
C ASP A 145 3.93 -11.44 -4.99
N ARG A 146 4.24 -11.24 -3.70
CA ARG A 146 3.73 -10.13 -2.90
C ARG A 146 4.81 -9.47 -2.01
N CYS A 147 4.66 -8.19 -1.71
CA CYS A 147 5.59 -7.51 -0.82
C CYS A 147 5.37 -8.07 0.57
N PRO A 148 6.21 -7.70 1.56
CA PRO A 148 5.94 -8.29 2.89
C PRO A 148 4.58 -7.87 3.45
N HIS A 149 4.04 -6.75 2.98
CA HIS A 149 2.74 -6.28 3.46
C HIS A 149 1.59 -6.83 2.62
N GLY A 150 1.89 -7.83 1.79
CA GLY A 150 0.88 -8.52 1.01
C GLY A 150 0.45 -7.90 -0.33
N ASN A 151 0.96 -6.73 -0.69
CA ASN A 151 0.56 -6.17 -1.98
C ASN A 151 1.24 -6.90 -3.13
N PRO A 152 0.53 -7.21 -4.17
CA PRO A 152 1.13 -8.00 -5.23
C PRO A 152 2.18 -7.26 -5.97
N ILE A 153 3.11 -8.01 -6.51
CA ILE A 153 4.14 -7.46 -7.31
C ILE A 153 3.71 -7.38 -8.75
N PRO A 154 3.60 -6.07 -9.25
CA PRO A 154 3.17 -5.99 -10.63
C PRO A 154 4.20 -6.53 -11.59
N ASP A 155 3.76 -6.89 -12.77
CA ASP A 155 4.66 -7.32 -13.80
C ASP A 155 5.35 -6.17 -14.46
N PRO A 156 6.32 -6.56 -15.38
CA PRO A 156 7.09 -5.44 -15.94
C PRO A 156 6.33 -4.44 -16.74
N GLU A 157 5.18 -4.82 -17.27
CA GLU A 157 4.38 -3.94 -18.08
C GLU A 157 3.44 -3.10 -17.27
N GLY A 158 3.25 -3.44 -16.01
CA GLY A 158 2.39 -2.68 -15.16
C GLY A 158 1.08 -3.33 -14.85
N ASN A 159 0.93 -4.58 -15.22
CA ASN A 159 -0.28 -5.31 -14.90
C ASN A 159 -0.18 -5.99 -13.56
N VAL A 160 -1.29 -6.07 -12.86
CA VAL A 160 -1.39 -6.87 -11.68
C VAL A 160 -2.59 -7.76 -11.79
N GLU A 161 -2.48 -8.95 -11.26
CA GLU A 161 -3.60 -9.87 -11.29
C GLU A 161 -4.65 -9.38 -10.35
N PRO A 162 -5.88 -9.40 -10.75
CA PRO A 162 -6.94 -8.92 -9.89
C PRO A 162 -6.99 -9.79 -8.66
N VAL A 163 -7.14 -9.21 -7.49
CA VAL A 163 -7.19 -10.02 -6.30
C VAL A 163 -8.56 -9.86 -5.72
N ALA A 164 -9.11 -10.95 -5.24
CA ALA A 164 -10.45 -10.95 -4.74
C ALA A 164 -10.42 -10.74 -3.26
N ASP A 165 -10.33 -9.50 -2.84
CA ASP A 165 -10.34 -9.22 -1.43
C ASP A 165 -11.19 -8.00 -1.19
N VAL A 166 -11.45 -7.72 0.06
CA VAL A 166 -12.35 -6.64 0.40
C VAL A 166 -11.87 -5.90 1.64
N ARG A 167 -12.43 -4.73 1.84
CA ARG A 167 -12.11 -3.94 3.03
C ARG A 167 -12.61 -4.64 4.29
N ILE A 168 -11.81 -4.59 5.34
CA ILE A 168 -12.19 -5.20 6.59
C ILE A 168 -13.36 -4.45 7.21
N THR A 169 -13.50 -3.17 6.85
CA THR A 169 -14.60 -2.32 7.32
C THR A 169 -15.94 -2.63 6.63
N SER A 170 -15.91 -3.48 5.62
CA SER A 170 -17.14 -3.86 4.93
C SER A 170 -17.74 -5.12 5.52
N LEU A 171 -17.13 -5.66 6.56
CA LEU A 171 -17.54 -6.97 7.08
C LEU A 171 -18.51 -6.87 8.25
N LEU A 172 -19.43 -7.82 8.35
CA LEU A 172 -20.33 -7.86 9.52
C LEU A 172 -19.74 -8.69 10.65
N PRO A 173 -20.15 -8.40 11.90
CA PRO A 173 -19.75 -9.23 13.03
C PRO A 173 -19.97 -10.72 12.77
N ASP A 174 -19.05 -11.54 13.29
CA ASP A 174 -18.98 -13.00 13.12
C ASP A 174 -18.43 -13.44 11.75
N SER A 175 -18.04 -12.49 10.91
CA SER A 175 -17.38 -12.85 9.67
C SER A 175 -15.98 -13.35 9.97
N THR A 176 -15.56 -14.35 9.23
CA THR A 176 -14.20 -14.83 9.36
C THR A 176 -13.47 -14.44 8.09
N ALA A 177 -12.16 -14.16 8.21
CA ALA A 177 -11.39 -13.73 7.05
C ALA A 177 -9.91 -13.90 7.27
N ARG A 178 -9.17 -13.63 6.21
CA ARG A 178 -7.74 -13.73 6.22
C ARG A 178 -7.19 -12.39 5.73
N ILE A 179 -6.23 -11.83 6.46
CA ILE A 179 -5.67 -10.57 6.05
C ILE A 179 -4.91 -10.74 4.74
N SER A 180 -5.20 -9.88 3.79
CA SER A 180 -4.67 -9.99 2.45
C SER A 180 -3.51 -9.00 2.19
N ARG A 181 -3.78 -7.72 2.33
CA ARG A 181 -2.79 -6.70 2.04
C ARG A 181 -3.09 -5.42 2.80
N ILE A 182 -2.03 -4.66 3.07
CA ILE A 182 -2.13 -3.35 3.68
C ILE A 182 -1.90 -2.35 2.56
N VAL A 183 -2.94 -1.68 2.09
CA VAL A 183 -2.82 -0.86 0.89
C VAL A 183 -2.19 0.52 1.09
N TYR A 184 -2.00 0.92 2.34
CA TYR A 184 -1.44 2.22 2.67
C TYR A 184 -0.46 1.99 3.81
N GLU A 185 0.83 2.20 3.56
CA GLU A 185 1.85 1.71 4.46
C GLU A 185 2.56 2.81 5.24
N THR A 186 1.86 3.45 6.17
CA THR A 186 2.52 4.47 6.97
C THR A 186 3.18 3.84 8.19
N ASP A 187 3.94 4.66 8.91
CA ASP A 187 4.65 4.20 10.10
C ASP A 187 3.68 3.81 11.21
N ASP A 188 2.78 4.73 11.56
CA ASP A 188 1.77 4.47 12.59
C ASP A 188 0.97 3.21 12.27
N ILE A 189 0.62 3.04 11.00
CA ILE A 189 -0.21 1.91 10.58
C ILE A 189 0.53 0.58 10.72
N LEU A 190 1.69 0.47 10.07
CA LEU A 190 2.49 -0.76 10.12
C LEU A 190 2.94 -1.11 11.53
N HIS A 191 3.31 -0.10 12.31
CA HIS A 191 3.74 -0.35 13.67
C HIS A 191 2.61 -0.99 14.47
N PHE A 192 1.41 -0.41 14.37
CA PHE A 192 0.22 -0.99 15.02
C PHE A 192 -0.02 -2.44 14.57
N LEU A 193 0.06 -2.66 13.27
CA LEU A 193 -0.27 -3.97 12.72
C LEU A 193 0.73 -5.02 13.19
N ALA A 194 2.01 -4.65 13.22
CA ALA A 194 3.08 -5.56 13.67
C ALA A 194 2.94 -5.84 15.13
N LEU A 195 2.77 -4.78 15.92
CA LEU A 195 2.61 -4.88 17.35
C LEU A 195 1.47 -5.82 17.73
N ASN A 196 0.40 -5.79 16.95
CA ASN A 196 -0.75 -6.66 17.19
C ASN A 196 -0.84 -7.89 16.28
N GLY A 197 0.27 -8.26 15.62
CA GLY A 197 0.28 -9.41 14.74
C GLY A 197 -0.81 -9.47 13.67
N LEU A 198 -1.26 -8.33 13.16
CA LEU A 198 -2.25 -8.30 12.09
C LEU A 198 -1.59 -8.25 10.74
N ILE A 199 -1.07 -9.38 10.29
CA ILE A 199 -0.18 -9.43 9.13
C ILE A 199 -0.80 -10.32 8.06
N PRO A 200 -0.34 -10.18 6.79
CA PRO A 200 -0.86 -11.00 5.70
C PRO A 200 -0.86 -12.47 6.04
N GLY A 201 -1.99 -13.14 5.83
CA GLY A 201 -2.07 -14.56 6.15
C GLY A 201 -2.73 -14.88 7.47
N LYS A 202 -2.80 -13.92 8.39
CA LYS A 202 -3.44 -14.27 9.65
C LYS A 202 -4.94 -14.25 9.58
N ASP A 203 -5.50 -15.33 10.12
CA ASP A 203 -6.93 -15.52 10.24
C ASP A 203 -7.45 -14.61 11.34
N ILE A 204 -8.58 -13.99 11.08
CA ILE A 204 -9.15 -13.05 12.03
C ILE A 204 -10.64 -13.32 12.06
N LYS A 205 -11.30 -12.87 13.13
CA LYS A 205 -12.75 -12.92 13.21
C LYS A 205 -13.29 -11.58 13.72
N ILE A 206 -14.24 -11.01 12.98
CA ILE A 206 -14.84 -9.74 13.38
C ILE A 206 -15.72 -9.92 14.62
N GLU A 207 -15.33 -9.28 15.73
CA GLU A 207 -16.13 -9.29 16.96
C GLU A 207 -17.09 -8.10 17.06
N SER A 208 -16.67 -6.94 16.57
CA SER A 208 -17.48 -5.73 16.71
C SER A 208 -17.12 -4.65 15.68
N VAL A 209 -18.08 -3.80 15.34
CA VAL A 209 -17.84 -2.76 14.35
C VAL A 209 -18.39 -1.39 14.77
N LYS A 210 -18.56 -1.17 16.07
CA LYS A 210 -19.00 0.12 16.56
C LYS A 210 -17.81 0.96 17.00
N ASP A 211 -17.71 2.18 16.45
CA ASP A 211 -16.55 3.08 16.66
C ASP A 211 -15.27 2.49 16.04
N THR A 212 -14.75 1.42 16.63
CA THR A 212 -13.59 0.76 16.07
C THR A 212 -14.04 -0.54 15.43
N VAL A 213 -13.13 -1.20 14.72
CA VAL A 213 -13.35 -2.59 14.31
C VAL A 213 -12.54 -3.48 15.26
N ARG A 214 -13.25 -4.26 16.07
CA ARG A 214 -12.57 -5.17 17.00
C ARG A 214 -12.57 -6.58 16.45
N VAL A 215 -11.40 -7.20 16.43
CA VAL A 215 -11.28 -8.52 15.86
C VAL A 215 -10.68 -9.46 16.87
N LEU A 216 -10.84 -10.75 16.58
CA LEU A 216 -10.19 -11.80 17.31
C LEU A 216 -9.07 -12.31 16.44
N VAL A 217 -7.85 -12.29 16.95
CA VAL A 217 -6.69 -12.80 16.24
C VAL A 217 -5.71 -13.43 17.24
N ASP A 218 -5.29 -14.67 16.95
CA ASP A 218 -4.40 -15.43 17.81
C ASP A 218 -4.99 -15.59 19.21
N GLY A 219 -6.31 -15.79 19.31
CA GLY A 219 -6.97 -15.84 20.61
C GLY A 219 -7.10 -14.52 21.38
N ARG A 220 -6.48 -13.46 20.87
CA ARG A 220 -6.53 -12.12 21.50
C ARG A 220 -7.51 -11.20 20.80
N SER A 221 -8.03 -10.22 21.53
CA SER A 221 -8.96 -9.27 20.97
C SER A 221 -8.32 -7.90 20.78
N ILE A 222 -8.44 -7.37 19.57
CA ILE A 222 -7.84 -6.11 19.20
C ILE A 222 -8.84 -5.14 18.62
N GLU A 223 -8.90 -3.93 19.18
CA GLU A 223 -9.65 -2.84 18.58
C GLU A 223 -8.80 -2.15 17.53
N ILE A 224 -9.31 -2.08 16.31
CA ILE A 224 -8.62 -1.41 15.23
C ILE A 224 -9.34 -0.11 14.93
N PRO A 225 -8.66 1.03 15.14
CA PRO A 225 -9.32 2.31 14.88
C PRO A 225 -9.58 2.46 13.37
N THR A 226 -10.63 3.19 13.01
CA THR A 226 -11.05 3.38 11.62
C THR A 226 -9.94 3.84 10.68
N ASP A 227 -9.09 4.76 11.14
CA ASP A 227 -8.00 5.25 10.30
C ASP A 227 -7.02 4.13 9.93
N ILE A 228 -6.93 3.10 10.77
CA ILE A 228 -6.01 2.02 10.46
C ILE A 228 -6.76 0.93 9.69
N ALA A 229 -7.99 0.64 10.11
CA ALA A 229 -8.84 -0.39 9.50
C ALA A 229 -9.09 -0.12 8.01
N MET A 230 -9.16 1.15 7.63
CA MET A 230 -9.43 1.49 6.23
C MET A 230 -8.35 0.99 5.29
N ALA A 231 -7.15 0.75 5.83
CA ALA A 231 -6.06 0.34 4.99
C ALA A 231 -5.97 -1.19 4.87
N ILE A 232 -6.80 -1.92 5.62
CA ILE A 232 -6.66 -3.39 5.67
C ILE A 232 -7.63 -4.09 4.72
N MET A 233 -7.11 -4.80 3.73
CA MET A 233 -7.91 -5.66 2.87
C MET A 233 -7.83 -7.08 3.40
N VAL A 234 -8.92 -7.83 3.21
CA VAL A 234 -9.02 -9.22 3.67
C VAL A 234 -9.73 -10.04 2.60
N THR A 235 -9.53 -11.35 2.63
CA THR A 235 -10.27 -12.27 1.78
C THR A 235 -11.24 -13.08 2.64
N VAL A 236 -12.50 -13.08 2.27
CA VAL A 236 -13.52 -13.82 3.00
C VAL A 236 -13.55 -15.28 2.58
N ASP A 237 -13.43 -16.16 3.57
CA ASP A 237 -13.37 -17.63 3.41
C ASP A 237 -14.57 -18.18 2.63
N ASP A 238 -14.39 -19.08 1.66
CA ASP A 238 -13.11 -19.35 1.02
C ASP A 238 -13.38 -19.53 -0.47
FE FE2 B . 4.72 -3.40 1.12
FE FE2 C . 5.67 -0.28 0.52
#